data_8W8K
#
_entry.id   8W8K
#
_cell.length_a   64.275
_cell.length_b   88.815
_cell.length_c   98.710
_cell.angle_alpha   90.00
_cell.angle_beta   90.00
_cell.angle_gamma   90.00
#
_symmetry.space_group_name_H-M   'P 21 21 2'
#
loop_
_entity.id
_entity.type
_entity.pdbx_description
1 polymer 'Heat shock protein HSP 90-alpha'
2 non-polymer 5-[2,4-dihydroxy-5-(propan-2-yl)phenyl]-4-(1-methyl-1H-indol-5-yl)-2,4-dihydro-3H-1,2,4-triazol-3-one
3 non-polymer 'MAGNESIUM ION'
4 water water
#
_entity_poly.entity_id   1
_entity_poly.type   'polypeptide(L)'
_entity_poly.pdbx_seq_one_letter_code
;HHHHHHENLYFQGDQPMEEEEVETFAFQAEIAQLMSLIINTFYSNKEIFLRELISNSSDALDKIRYESLTDPSKLDSGKE
LHINLIPNKQDRTLTIVDTGIGMTKADLINNLGTIAKSGTKAFMEALQAGADISMIGQFGVGFYSAYLVAEKVTVITKHN
DDEQYAWESSAGGSFTVRTDTGEPMGRGTKVILHLKEDQTEYLEERRIKEIVKKHSQFIGYPITLFVEKERDKEVSDDEA
E
;
_entity_poly.pdbx_strand_id   A,B
#
loop_
_chem_comp.id
_chem_comp.type
_chem_comp.name
_chem_comp.formula
MG non-polymer 'MAGNESIUM ION' 'Mg 2'
TUH non-polymer 5-[2,4-dihydroxy-5-(propan-2-yl)phenyl]-4-(1-methyl-1H-indol-5-yl)-2,4-dihydro-3H-1,2,4-triazol-3-one 'C20 H20 N4 O3'
#
# COMPACT_ATOMS: atom_id res chain seq x y z
N GLU A 21 4.41 20.15 36.10
CA GLU A 21 4.08 21.20 35.15
C GLU A 21 4.22 20.74 33.70
N VAL A 22 3.25 21.11 32.88
CA VAL A 22 3.27 20.89 31.44
C VAL A 22 3.62 22.21 30.77
N GLU A 23 4.66 22.21 29.95
CA GLU A 23 5.03 23.38 29.15
C GLU A 23 4.58 23.21 27.71
N THR A 24 4.06 24.30 27.13
CA THR A 24 3.51 24.28 25.78
C THR A 24 4.33 25.17 24.85
N PHE A 25 4.75 24.61 23.72
CA PHE A 25 5.58 25.30 22.75
C PHE A 25 4.89 25.31 21.38
N ALA A 26 5.26 26.27 20.56
CA ALA A 26 4.86 26.31 19.15
C ALA A 26 5.96 25.69 18.29
N PHE A 27 5.56 24.82 17.37
CA PHE A 27 6.50 24.36 16.35
C PHE A 27 7.04 25.56 15.58
N GLN A 28 8.30 25.48 15.17
CA GLN A 28 8.76 26.44 14.18
C GLN A 28 7.84 26.36 12.95
N ALA A 29 7.77 27.47 12.22
CA ALA A 29 6.79 27.57 11.13
C ALA A 29 7.01 26.50 10.07
N GLU A 30 8.27 26.19 9.75
CA GLU A 30 8.53 25.16 8.73
C GLU A 30 8.03 23.78 9.15
N ILE A 31 8.22 23.41 10.41
CA ILE A 31 7.71 22.13 10.91
C ILE A 31 6.18 22.12 10.91
N ALA A 32 5.55 23.21 11.31
CA ALA A 32 4.09 23.26 11.28
C ALA A 32 3.59 23.06 9.86
N GLN A 33 4.29 23.63 8.88
CA GLN A 33 3.99 23.41 7.47
C GLN A 33 4.16 21.94 7.11
N LEU A 34 5.28 21.34 7.50
CA LEU A 34 5.54 19.95 7.15
C LEU A 34 4.47 19.02 7.74
N MET A 35 4.12 19.25 9.01
CA MET A 35 3.09 18.44 9.65
C MET A 35 1.76 18.58 8.93
N SER A 36 1.42 19.80 8.50
CA SER A 36 0.17 20.01 7.78
C SER A 36 0.20 19.32 6.42
N LEU A 37 1.34 19.39 5.72
CA LEU A 37 1.47 18.64 4.48
C LEU A 37 1.22 17.15 4.70
N ILE A 38 1.86 16.58 5.72
CA ILE A 38 1.72 15.14 5.97
C ILE A 38 0.29 14.79 6.31
N ILE A 39 -0.38 15.65 7.08
CA ILE A 39 -1.73 15.35 7.52
C ILE A 39 -2.74 15.51 6.38
N ASN A 40 -2.52 16.44 5.46
CA ASN A 40 -3.55 16.83 4.50
C ASN A 40 -3.27 16.44 3.06
N THR A 41 -2.08 15.94 2.73
CA THR A 41 -1.83 15.45 1.38
C THR A 41 -2.40 14.04 1.23
N PHE A 42 -3.11 13.81 0.12
CA PHE A 42 -3.61 12.47 -0.18
C PHE A 42 -2.44 11.56 -0.56
N TYR A 43 -2.20 10.51 0.23
CA TYR A 43 -1.03 9.66 -0.01
C TYR A 43 -1.30 8.31 0.65
N SER A 44 -1.51 7.26 -0.16
CA SER A 44 -2.05 6.00 0.37
C SER A 44 -0.99 5.08 0.96
N ASN A 45 0.28 5.30 0.62
CA ASN A 45 1.39 4.45 1.09
C ASN A 45 1.84 4.86 2.50
N LYS A 46 0.91 4.73 3.46
CA LYS A 46 1.12 5.22 4.82
C LYS A 46 2.04 4.34 5.66
N GLU A 47 2.22 3.06 5.28
CA GLU A 47 2.97 2.11 6.09
C GLU A 47 4.44 2.49 6.25
N ILE A 48 4.95 3.41 5.44
CA ILE A 48 6.35 3.80 5.55
C ILE A 48 6.66 4.46 6.87
N PHE A 49 5.63 4.88 7.63
CA PHE A 49 5.88 5.49 8.94
C PHE A 49 6.71 4.56 9.82
N LEU A 50 6.42 3.24 9.77
CA LEU A 50 7.09 2.31 10.68
C LEU A 50 8.57 2.23 10.38
N ARG A 51 8.93 2.09 9.11
CA ARG A 51 10.35 2.04 8.76
C ARG A 51 11.08 3.28 9.24
N GLU A 52 10.43 4.45 9.20
CA GLU A 52 11.11 5.69 9.61
C GLU A 52 11.38 5.69 11.10
N LEU A 53 10.40 5.25 11.90
CA LEU A 53 10.61 5.15 13.33
C LEU A 53 11.63 4.06 13.68
N ILE A 54 11.54 2.90 13.03
CA ILE A 54 12.51 1.85 13.30
C ILE A 54 13.92 2.32 12.94
N SER A 55 14.04 3.08 11.84
N SER A 55 14.05 3.07 11.84
CA SER A 55 15.34 3.61 11.45
CA SER A 55 15.35 3.60 11.46
C SER A 55 15.85 4.62 12.47
C SER A 55 15.85 4.62 12.48
N ASN A 56 14.95 5.41 13.06
CA ASN A 56 15.37 6.33 14.13
C ASN A 56 15.88 5.54 15.34
N SER A 57 15.17 4.48 15.73
CA SER A 57 15.62 3.68 16.87
C SER A 57 16.98 3.07 16.60
N SER A 58 17.20 2.53 15.41
CA SER A 58 18.49 1.95 15.08
C SER A 58 19.61 3.00 15.18
N ASP A 59 19.37 4.21 14.64
CA ASP A 59 20.35 5.28 14.81
C ASP A 59 20.65 5.56 16.29
N ALA A 60 19.61 5.63 17.13
CA ALA A 60 19.84 5.91 18.55
C ALA A 60 20.61 4.77 19.21
N LEU A 61 20.34 3.54 18.79
CA LEU A 61 21.09 2.40 19.31
C LEU A 61 22.53 2.45 18.85
N ASP A 62 22.77 2.79 17.58
CA ASP A 62 24.15 2.98 17.13
C ASP A 62 24.85 4.01 18.02
N LYS A 63 24.14 5.09 18.39
CA LYS A 63 24.77 6.15 19.15
C LYS A 63 25.24 5.66 20.52
N ILE A 64 24.39 4.93 21.24
CA ILE A 64 24.80 4.48 22.57
C ILE A 64 25.85 3.39 22.45
N ARG A 65 25.74 2.53 21.43
CA ARG A 65 26.76 1.53 21.18
C ARG A 65 28.13 2.18 20.95
N TYR A 66 28.20 3.22 20.11
CA TYR A 66 29.48 3.84 19.82
C TYR A 66 30.06 4.54 21.05
N GLU A 67 29.23 5.28 21.80
CA GLU A 67 29.73 5.94 23.00
C GLU A 67 30.20 4.95 24.04
N SER A 68 29.58 3.77 24.09
CA SER A 68 29.93 2.78 25.11
C SER A 68 31.26 2.10 24.83
N LEU A 69 31.74 2.16 23.59
CA LEU A 69 33.07 1.64 23.30
C LEU A 69 34.14 2.45 24.02
N THR A 70 33.93 3.75 24.16
CA THR A 70 34.89 4.60 24.85
C THR A 70 34.62 4.67 26.36
N ASP A 71 33.36 4.55 26.78
CA ASP A 71 33.00 4.63 28.19
C ASP A 71 31.95 3.57 28.48
N PRO A 72 32.36 2.40 28.94
CA PRO A 72 31.40 1.32 29.18
C PRO A 72 30.39 1.63 30.28
N SER A 73 30.63 2.62 31.14
CA SER A 73 29.63 2.93 32.16
C SER A 73 28.35 3.50 31.56
N LYS A 74 28.41 4.03 30.33
CA LYS A 74 27.19 4.56 29.72
C LYS A 74 26.14 3.50 29.51
N LEU A 75 26.48 2.22 29.67
CA LEU A 75 25.53 1.13 29.59
C LEU A 75 25.01 0.70 30.95
N ASP A 76 25.41 1.38 32.03
CA ASP A 76 24.87 1.03 33.35
C ASP A 76 23.35 1.19 33.38
N SER A 77 22.79 2.06 32.55
CA SER A 77 21.34 2.21 32.45
C SER A 77 20.68 1.11 31.63
N GLY A 78 21.39 0.01 31.37
CA GLY A 78 20.87 -1.09 30.58
C GLY A 78 21.82 -1.49 29.46
N LYS A 79 22.15 -2.78 29.39
CA LYS A 79 23.13 -3.21 28.40
C LYS A 79 22.49 -3.73 27.10
N GLU A 80 21.22 -4.11 27.10
CA GLU A 80 20.60 -4.67 25.90
C GLU A 80 20.18 -3.58 24.92
N LEU A 81 20.52 -3.78 23.64
CA LEU A 81 20.23 -2.85 22.55
C LEU A 81 19.21 -3.51 21.64
N HIS A 82 17.95 -3.09 21.72
CA HIS A 82 16.92 -3.74 20.93
C HIS A 82 15.76 -2.78 20.70
N ILE A 83 14.83 -3.25 19.88
CA ILE A 83 13.61 -2.54 19.51
C ILE A 83 12.42 -3.45 19.77
N ASN A 84 11.41 -2.92 20.44
CA ASN A 84 10.16 -3.62 20.71
C ASN A 84 9.00 -2.88 20.06
N LEU A 85 8.08 -3.66 19.50
CA LEU A 85 6.89 -3.13 18.85
C LEU A 85 5.69 -3.63 19.64
N ILE A 86 4.89 -2.69 20.15
CA ILE A 86 3.80 -3.04 21.07
C ILE A 86 2.47 -2.51 20.55
N PRO A 87 1.67 -3.34 19.90
CA PRO A 87 0.29 -2.94 19.58
C PRO A 87 -0.62 -3.10 20.78
N ASN A 88 -1.62 -2.24 20.85
CA ASN A 88 -2.64 -2.35 21.91
C ASN A 88 -3.98 -1.96 21.30
N LYS A 89 -4.79 -2.99 21.01
CA LYS A 89 -6.07 -2.75 20.33
C LYS A 89 -7.08 -2.05 21.22
N GLN A 90 -7.03 -2.29 22.54
CA GLN A 90 -7.96 -1.62 23.46
C GLN A 90 -7.70 -0.11 23.53
N ASP A 91 -6.43 0.32 23.64
CA ASP A 91 -6.12 1.74 23.63
C ASP A 91 -6.01 2.32 22.23
N ARG A 92 -6.04 1.47 21.20
CA ARG A 92 -5.77 1.87 19.83
C ARG A 92 -4.43 2.61 19.70
N THR A 93 -3.38 2.05 20.32
CA THR A 93 -2.05 2.61 20.22
C THR A 93 -1.06 1.59 19.66
N LEU A 94 -0.08 2.09 18.92
CA LEU A 94 1.10 1.35 18.52
C LEU A 94 2.30 2.05 19.13
N THR A 95 3.13 1.30 19.83
CA THR A 95 4.27 1.85 20.54
C THR A 95 5.56 1.17 20.06
N ILE A 96 6.55 1.99 19.73
CA ILE A 96 7.89 1.53 19.36
C ILE A 96 8.82 1.95 20.49
N VAL A 97 9.44 0.96 21.14
CA VAL A 97 10.38 1.18 22.24
C VAL A 97 11.77 0.79 21.77
N ASP A 98 12.76 1.64 22.06
CA ASP A 98 14.15 1.24 21.91
C ASP A 98 14.92 1.61 23.16
N THR A 99 16.07 0.96 23.33
CA THR A 99 16.99 1.24 24.42
C THR A 99 18.21 1.99 23.90
N GLY A 100 17.98 2.94 23.01
CA GLY A 100 19.05 3.75 22.44
C GLY A 100 19.49 4.83 23.41
N ILE A 101 20.21 5.81 22.87
CA ILE A 101 20.84 6.83 23.72
C ILE A 101 19.84 7.81 24.32
N GLY A 102 18.61 7.87 23.82
CA GLY A 102 17.61 8.76 24.38
C GLY A 102 17.89 10.20 24.01
N MET A 103 17.09 11.11 24.55
CA MET A 103 17.26 12.53 24.29
C MET A 103 17.08 13.35 25.55
N THR A 104 17.84 14.45 25.65
CA THR A 104 17.67 15.40 26.73
C THR A 104 16.46 16.29 26.48
N LYS A 105 16.05 17.01 27.53
CA LYS A 105 14.93 17.93 27.40
C LYS A 105 15.16 18.91 26.26
N ALA A 106 16.38 19.44 26.16
CA ALA A 106 16.71 20.37 25.08
C ALA A 106 16.66 19.71 23.71
N ASP A 107 17.13 18.46 23.61
CA ASP A 107 17.02 17.74 22.35
C ASP A 107 15.55 17.59 21.95
N LEU A 108 14.70 17.19 22.91
CA LEU A 108 13.27 17.04 22.66
C LEU A 108 12.70 18.30 22.07
N ILE A 109 12.94 19.43 22.73
CA ILE A 109 12.37 20.72 22.31
C ILE A 109 12.99 21.21 21.01
N ASN A 110 14.28 20.95 20.80
CA ASN A 110 14.91 21.31 19.54
C ASN A 110 14.48 20.34 18.42
N ASN A 111 13.15 20.24 18.21
CA ASN A 111 12.57 19.43 17.13
C ASN A 111 12.99 17.97 17.21
N LEU A 112 12.99 17.41 18.42
CA LEU A 112 13.25 15.99 18.63
C LEU A 112 14.65 15.57 18.15
N GLY A 113 15.64 16.46 18.30
CA GLY A 113 16.98 16.16 17.84
C GLY A 113 17.21 16.22 16.34
N THR A 114 16.18 16.58 15.55
CA THR A 114 16.30 16.66 14.10
C THR A 114 16.75 18.07 13.66
N ILE A 115 17.22 18.16 12.42
CA ILE A 115 17.57 19.44 11.80
C ILE A 115 16.36 19.95 11.02
N ALA A 116 15.24 20.15 11.73
CA ALA A 116 13.93 20.08 11.08
C ALA A 116 13.68 21.28 10.19
N LYS A 117 14.13 22.46 10.61
CA LYS A 117 13.94 23.65 9.77
C LYS A 117 14.59 23.46 8.40
N SER A 118 15.86 23.09 8.36
CA SER A 118 16.56 23.00 7.08
C SER A 118 16.14 21.75 6.30
N GLY A 119 15.89 20.64 6.99
CA GLY A 119 15.44 19.44 6.31
C GLY A 119 14.06 19.60 5.69
N THR A 120 13.14 20.23 6.41
CA THR A 120 11.81 20.50 5.85
C THR A 120 11.90 21.31 4.57
N LYS A 121 12.70 22.38 4.59
CA LYS A 121 12.81 23.23 3.41
C LYS A 121 13.36 22.45 2.21
N ALA A 122 14.46 21.73 2.42
CA ALA A 122 15.01 20.91 1.34
C ALA A 122 14.00 19.86 0.89
N PHE A 123 13.31 19.22 1.84
CA PHE A 123 12.32 18.20 1.51
C PHE A 123 11.22 18.76 0.61
N MET A 124 10.63 19.88 1.02
CA MET A 124 9.51 20.43 0.26
C MET A 124 9.94 20.92 -1.12
N GLU A 125 11.17 21.41 -1.23
CA GLU A 125 11.72 21.69 -2.55
C GLU A 125 11.89 20.39 -3.35
N ALA A 126 12.25 19.30 -2.67
CA ALA A 126 12.37 18.04 -3.39
C ALA A 126 11.00 17.55 -3.84
N LEU A 127 9.97 17.76 -3.03
CA LEU A 127 8.62 17.37 -3.45
C LEU A 127 8.19 18.08 -4.71
N GLN A 128 8.64 19.32 -4.91
CA GLN A 128 8.29 20.06 -6.12
C GLN A 128 9.05 19.57 -7.34
N ALA A 129 10.16 18.86 -7.15
CA ALA A 129 11.02 18.42 -8.24
C ALA A 129 10.91 16.91 -8.50
N GLY A 130 9.83 16.27 -8.08
CA GLY A 130 9.60 14.87 -8.37
C GLY A 130 9.75 13.93 -7.19
N ALA A 131 10.07 14.43 -6.00
CA ALA A 131 10.18 13.54 -4.87
C ALA A 131 8.80 13.15 -4.37
N ASP A 132 8.79 12.12 -3.52
CA ASP A 132 7.59 11.47 -3.01
C ASP A 132 7.63 11.53 -1.50
N ILE A 133 6.45 11.49 -0.85
CA ILE A 133 6.42 11.58 0.61
C ILE A 133 7.25 10.48 1.27
N SER A 134 7.35 9.31 0.64
CA SER A 134 8.11 8.23 1.27
C SER A 134 9.61 8.55 1.40
N MET A 135 10.12 9.54 0.68
CA MET A 135 11.52 9.89 0.83
C MET A 135 11.77 10.84 2.00
N ILE A 136 10.77 11.04 2.88
CA ILE A 136 10.90 12.01 3.97
C ILE A 136 12.13 11.74 4.83
N GLY A 137 12.50 10.47 5.00
CA GLY A 137 13.62 10.12 5.87
C GLY A 137 14.97 10.53 5.31
N GLN A 138 15.08 10.67 3.98
CA GLN A 138 16.30 11.15 3.37
C GLN A 138 16.59 12.60 3.68
N PHE A 139 15.66 13.31 4.33
CA PHE A 139 15.85 14.72 4.67
C PHE A 139 15.91 14.93 6.18
N GLY A 140 15.96 13.84 6.96
CA GLY A 140 16.19 13.90 8.38
C GLY A 140 14.95 14.14 9.21
N VAL A 141 13.76 14.07 8.62
CA VAL A 141 12.53 14.42 9.33
C VAL A 141 11.52 13.30 9.22
N GLY A 142 12.01 12.06 9.09
CA GLY A 142 11.09 10.93 8.97
C GLY A 142 10.14 10.78 10.15
N PHE A 143 10.54 11.24 11.34
CA PHE A 143 9.69 11.10 12.53
C PHE A 143 8.29 11.59 12.27
N TYR A 144 8.14 12.71 11.56
CA TYR A 144 6.85 13.35 11.36
C TYR A 144 5.93 12.55 10.48
N SER A 145 6.41 11.50 9.81
CA SER A 145 5.51 10.63 9.08
C SER A 145 4.62 9.82 10.00
N ALA A 146 4.89 9.81 11.31
CA ALA A 146 3.96 9.24 12.28
C ALA A 146 2.56 9.81 12.11
N TYR A 147 2.46 11.06 11.68
CA TYR A 147 1.17 11.72 11.50
C TYR A 147 0.45 11.26 10.23
N LEU A 148 1.05 10.37 9.43
CA LEU A 148 0.29 9.68 8.40
C LEU A 148 -0.80 8.82 9.02
N VAL A 149 -0.52 8.21 10.18
CA VAL A 149 -1.45 7.25 10.77
C VAL A 149 -1.98 7.69 12.12
N ALA A 150 -1.31 8.59 12.81
CA ALA A 150 -1.59 8.89 14.20
C ALA A 150 -2.24 10.26 14.33
N GLU A 151 -3.26 10.35 15.18
CA GLU A 151 -3.83 11.64 15.52
C GLU A 151 -3.07 12.36 16.63
N LYS A 152 -2.33 11.61 17.44
CA LYS A 152 -1.53 12.17 18.52
C LYS A 152 -0.33 11.27 18.72
N VAL A 153 0.81 11.87 19.05
CA VAL A 153 2.06 11.13 19.27
C VAL A 153 2.63 11.57 20.61
N THR A 154 3.03 10.61 21.44
CA THR A 154 3.77 10.84 22.67
C THR A 154 5.17 10.24 22.52
N VAL A 155 6.19 11.01 22.92
CA VAL A 155 7.57 10.52 22.95
C VAL A 155 8.03 10.59 24.39
N ILE A 156 8.28 9.44 25.00
CA ILE A 156 8.85 9.38 26.34
C ILE A 156 10.30 8.94 26.18
N THR A 157 11.23 9.71 26.76
CA THR A 157 12.63 9.49 26.49
C THR A 157 13.44 9.72 27.76
N LYS A 158 14.55 9.00 27.86
CA LYS A 158 15.48 9.10 28.99
C LYS A 158 16.90 9.01 28.44
N HIS A 159 17.67 10.08 28.62
CA HIS A 159 19.08 10.15 28.25
C HIS A 159 19.90 10.06 29.54
N ASN A 160 21.13 9.53 29.46
CA ASN A 160 21.93 9.36 30.67
C ASN A 160 22.18 10.67 31.38
N ASP A 161 22.27 11.78 30.64
CA ASP A 161 22.61 13.08 31.19
C ASP A 161 21.41 13.90 31.66
N ASP A 162 20.21 13.32 31.71
CA ASP A 162 19.03 14.12 32.02
C ASP A 162 17.98 13.22 32.66
N GLU A 163 16.86 13.82 33.02
CA GLU A 163 15.70 13.19 33.61
C GLU A 163 14.77 12.66 32.52
N GLN A 164 13.78 11.87 32.93
CA GLN A 164 12.83 11.32 31.97
C GLN A 164 11.78 12.37 31.60
N TYR A 165 11.52 12.52 30.29
CA TYR A 165 10.61 13.55 29.81
C TYR A 165 9.62 12.93 28.83
N ALA A 166 8.44 13.53 28.76
CA ALA A 166 7.39 13.16 27.79
C ALA A 166 7.09 14.37 26.91
N TRP A 167 7.24 14.19 25.61
CA TRP A 167 6.85 15.13 24.58
C TRP A 167 5.56 14.63 23.95
N GLU A 168 4.67 15.55 23.59
CA GLU A 168 3.36 15.17 23.05
C GLU A 168 2.85 16.22 22.08
N SER A 169 2.17 15.78 21.02
CA SER A 169 1.56 16.71 20.09
C SER A 169 0.46 16.02 19.30
N SER A 170 -0.65 16.73 19.13
CA SER A 170 -1.70 16.35 18.20
C SER A 170 -1.69 17.23 16.97
N ALA A 171 -0.51 17.74 16.61
CA ALA A 171 -0.31 18.70 15.50
C ALA A 171 -1.06 19.99 15.88
N GLY A 172 -1.65 20.69 14.91
CA GLY A 172 -2.28 21.97 15.20
C GLY A 172 -1.32 23.06 15.63
N GLY A 173 -0.02 22.89 15.38
CA GLY A 173 0.95 23.93 15.58
C GLY A 173 1.66 23.96 16.92
N SER A 174 1.33 23.05 17.83
CA SER A 174 1.91 23.12 19.16
C SER A 174 2.23 21.73 19.70
N PHE A 175 3.11 21.72 20.69
CA PHE A 175 3.51 20.50 21.37
C PHE A 175 3.76 20.84 22.83
N THR A 176 3.72 19.81 23.68
CA THR A 176 3.99 19.95 25.11
C THR A 176 5.18 19.11 25.51
N VAL A 177 5.88 19.56 26.55
CA VAL A 177 6.90 18.79 27.23
C VAL A 177 6.59 18.83 28.72
N ARG A 178 6.68 17.66 29.37
CA ARG A 178 6.55 17.55 30.82
C ARG A 178 7.55 16.52 31.33
N THR A 179 7.87 16.58 32.62
CA THR A 179 8.60 15.48 33.23
C THR A 179 7.72 14.23 33.28
N ASP A 180 8.35 13.06 33.18
CA ASP A 180 7.64 11.78 33.24
C ASP A 180 8.17 11.01 34.45
N THR A 181 7.56 11.26 35.61
CA THR A 181 8.04 10.68 36.86
C THR A 181 7.51 9.29 37.14
N GLY A 182 6.63 8.75 36.29
CA GLY A 182 6.18 7.39 36.43
C GLY A 182 7.27 6.37 36.17
N GLU A 183 6.91 5.19 35.65
CA GLU A 183 7.81 4.08 35.36
C GLU A 183 9.07 4.52 34.62
N PRO A 184 10.24 4.48 35.26
CA PRO A 184 11.47 4.81 34.54
C PRO A 184 11.73 3.81 33.42
N MET A 185 12.48 4.25 32.42
CA MET A 185 12.85 3.36 31.33
C MET A 185 14.33 2.98 31.31
N GLY A 186 15.08 3.34 32.34
CA GLY A 186 16.52 3.10 32.29
C GLY A 186 17.21 4.04 31.33
N ARG A 187 16.97 3.83 30.03
CA ARG A 187 17.58 4.62 28.96
C ARG A 187 16.88 4.27 27.66
N GLY A 188 16.50 5.28 26.88
CA GLY A 188 15.95 5.01 25.58
C GLY A 188 14.76 5.89 25.28
N THR A 189 13.99 5.50 24.28
CA THR A 189 12.87 6.29 23.79
C THR A 189 11.69 5.38 23.49
N LYS A 190 10.50 5.87 23.83
CA LYS A 190 9.26 5.17 23.55
C LYS A 190 8.35 6.12 22.79
N VAL A 191 7.98 5.75 21.57
CA VAL A 191 7.10 6.53 20.72
C VAL A 191 5.73 5.86 20.72
N ILE A 192 4.72 6.57 21.20
CA ILE A 192 3.36 6.06 21.32
C ILE A 192 2.51 6.75 20.27
N LEU A 193 2.05 5.97 19.29
CA LEU A 193 1.17 6.45 18.25
C LEU A 193 -0.27 6.14 18.63
N HIS A 194 -1.06 7.19 18.87
CA HIS A 194 -2.51 7.05 19.02
C HIS A 194 -3.12 7.10 17.63
N LEU A 195 -3.55 5.94 17.14
CA LEU A 195 -3.87 5.79 15.73
C LEU A 195 -5.20 6.46 15.39
N LYS A 196 -5.27 7.00 14.18
CA LYS A 196 -6.54 7.46 13.64
C LYS A 196 -7.50 6.28 13.51
N GLU A 197 -8.80 6.58 13.56
CA GLU A 197 -9.82 5.53 13.62
C GLU A 197 -9.77 4.59 12.42
N ASP A 198 -9.42 5.11 11.24
CA ASP A 198 -9.36 4.31 10.03
C ASP A 198 -7.98 3.68 9.79
N GLN A 199 -7.09 3.71 10.78
CA GLN A 199 -5.74 3.19 10.60
C GLN A 199 -5.42 2.06 11.58
N THR A 200 -6.44 1.33 12.04
CA THR A 200 -6.23 0.27 13.02
C THR A 200 -5.60 -0.99 12.41
N GLU A 201 -5.47 -1.06 11.08
CA GLU A 201 -4.74 -2.18 10.48
C GLU A 201 -3.33 -2.30 11.04
N TYR A 202 -2.73 -1.20 11.48
CA TYR A 202 -1.36 -1.19 11.98
C TYR A 202 -1.26 -1.69 13.42
N LEU A 203 -2.36 -2.17 13.97
CA LEU A 203 -2.39 -2.92 15.21
C LEU A 203 -2.39 -4.42 14.97
N GLU A 204 -2.59 -4.86 13.73
CA GLU A 204 -2.70 -6.28 13.42
C GLU A 204 -1.33 -6.92 13.32
N GLU A 205 -1.18 -8.09 13.94
CA GLU A 205 0.10 -8.77 13.97
C GLU A 205 0.62 -9.06 12.57
N ARG A 206 -0.24 -9.63 11.71
CA ARG A 206 0.16 -9.95 10.35
C ARG A 206 0.57 -8.71 9.58
N ARG A 207 -0.09 -7.57 9.84
CA ARG A 207 0.23 -6.34 9.13
C ARG A 207 1.59 -5.80 9.55
N ILE A 208 1.86 -5.76 10.86
CA ILE A 208 3.16 -5.29 11.34
C ILE A 208 4.30 -6.15 10.80
N LYS A 209 4.17 -7.48 10.93
CA LYS A 209 5.18 -8.39 10.40
C LYS A 209 5.43 -8.14 8.93
N GLU A 210 4.35 -7.99 8.16
CA GLU A 210 4.47 -7.75 6.73
C GLU A 210 5.27 -6.48 6.46
N ILE A 211 5.01 -5.41 7.22
CA ILE A 211 5.71 -4.14 7.01
C ILE A 211 7.17 -4.25 7.41
N VAL A 212 7.44 -4.90 8.55
CA VAL A 212 8.83 -5.06 8.98
C VAL A 212 9.62 -5.83 7.94
N LYS A 213 9.04 -6.90 7.40
CA LYS A 213 9.75 -7.68 6.38
C LYS A 213 9.99 -6.87 5.12
N LYS A 214 9.00 -6.08 4.69
CA LYS A 214 9.13 -5.36 3.43
C LYS A 214 10.16 -4.23 3.53
N HIS A 215 10.20 -3.51 4.65
CA HIS A 215 11.00 -2.29 4.73
C HIS A 215 12.12 -2.29 5.75
N SER A 216 12.15 -3.27 6.67
CA SER A 216 13.11 -3.23 7.76
C SER A 216 13.63 -4.63 8.06
N GLN A 217 13.77 -5.46 7.02
CA GLN A 217 14.10 -6.86 7.23
C GLN A 217 15.49 -7.05 7.83
N PHE A 218 16.48 -6.33 7.32
CA PHE A 218 17.87 -6.53 7.74
C PHE A 218 18.36 -5.27 8.42
N ILE A 219 18.27 -5.22 9.75
CA ILE A 219 18.81 -4.13 10.54
C ILE A 219 19.65 -4.73 11.67
N GLY A 220 20.45 -3.87 12.29
CA GLY A 220 21.50 -4.32 13.19
C GLY A 220 21.07 -4.64 14.60
N TYR A 221 19.79 -4.67 14.89
CA TYR A 221 19.33 -4.91 16.26
C TYR A 221 18.09 -5.77 16.21
N PRO A 222 17.85 -6.57 17.25
CA PRO A 222 16.64 -7.41 17.27
C PRO A 222 15.39 -6.56 17.39
N ILE A 223 14.38 -6.94 16.62
CA ILE A 223 13.04 -6.38 16.71
C ILE A 223 12.12 -7.46 17.26
N THR A 224 11.45 -7.17 18.38
CA THR A 224 10.47 -8.09 18.94
C THR A 224 9.08 -7.51 18.78
N LEU A 225 8.20 -8.26 18.10
CA LEU A 225 6.78 -7.91 18.00
C LEU A 225 6.03 -8.54 19.17
N PHE A 226 5.53 -7.69 20.07
CA PHE A 226 4.73 -8.17 21.19
C PHE A 226 3.38 -8.69 20.69
N VAL A 227 2.87 -9.72 21.34
CA VAL A 227 1.55 -10.23 21.04
C VAL A 227 0.59 -9.74 22.12
N GLU A 228 -0.70 -9.79 21.84
CA GLU A 228 -1.69 -9.24 22.75
C GLU A 228 -2.41 -10.35 23.51
N LYS A 229 -2.80 -10.05 24.76
CA LYS A 229 -3.57 -10.97 25.58
C LYS A 229 -4.96 -11.21 24.99
N GLU B 21 -29.65 -18.76 -21.55
CA GLU B 21 -29.15 -20.08 -21.21
C GLU B 21 -27.72 -20.01 -20.66
N VAL B 22 -27.54 -20.47 -19.43
CA VAL B 22 -26.27 -20.34 -18.71
C VAL B 22 -25.56 -21.68 -18.67
N GLU B 23 -24.29 -21.69 -19.09
CA GLU B 23 -23.43 -22.85 -18.92
C GLU B 23 -22.46 -22.62 -17.76
N THR B 24 -22.28 -23.66 -16.94
CA THR B 24 -21.40 -23.63 -15.79
C THR B 24 -20.22 -24.57 -16.01
N PHE B 25 -19.02 -24.09 -15.70
CA PHE B 25 -17.80 -24.85 -15.90
C PHE B 25 -17.00 -24.88 -14.60
N ALA B 26 -16.18 -25.92 -14.44
CA ALA B 26 -15.19 -25.96 -13.38
C ALA B 26 -13.88 -25.37 -13.88
N PHE B 27 -13.25 -24.55 -13.03
CA PHE B 27 -11.85 -24.17 -13.27
C PHE B 27 -10.97 -25.41 -13.32
N GLN B 28 -9.97 -25.38 -14.19
CA GLN B 28 -8.86 -26.32 -14.04
C GLN B 28 -8.31 -26.23 -12.62
N ALA B 29 -7.92 -27.38 -12.06
CA ALA B 29 -7.59 -27.42 -10.63
C ALA B 29 -6.52 -26.39 -10.26
N GLU B 30 -5.46 -26.29 -11.06
CA GLU B 30 -4.38 -25.33 -10.77
C GLU B 30 -4.89 -23.90 -10.78
N ILE B 31 -5.85 -23.58 -11.65
CA ILE B 31 -6.43 -22.25 -11.63
C ILE B 31 -7.24 -22.04 -10.35
N ALA B 32 -8.00 -23.06 -9.93
CA ALA B 32 -8.78 -22.92 -8.70
C ALA B 32 -7.86 -22.74 -7.50
N GLN B 33 -6.73 -23.46 -7.48
CA GLN B 33 -5.75 -23.29 -6.40
C GLN B 33 -5.18 -21.87 -6.39
N LEU B 34 -4.76 -21.41 -7.57
CA LEU B 34 -4.21 -20.05 -7.67
C LEU B 34 -5.21 -19.02 -7.19
N MET B 35 -6.48 -19.18 -7.57
CA MET B 35 -7.49 -18.24 -7.12
C MET B 35 -7.60 -18.27 -5.59
N SER B 36 -7.53 -19.46 -5.01
CA SER B 36 -7.66 -19.58 -3.56
C SER B 36 -6.45 -18.97 -2.85
N LEU B 37 -5.24 -19.14 -3.42
CA LEU B 37 -4.08 -18.44 -2.89
C LEU B 37 -4.27 -16.94 -2.91
N ILE B 38 -4.78 -16.38 -4.02
CA ILE B 38 -4.94 -14.93 -4.09
C ILE B 38 -6.01 -14.45 -3.11
N ILE B 39 -7.08 -15.23 -2.95
CA ILE B 39 -8.16 -14.81 -2.06
C ILE B 39 -7.76 -14.93 -0.60
N ASN B 40 -6.93 -15.92 -0.26
CA ASN B 40 -6.72 -16.25 1.14
C ASN B 40 -5.38 -15.75 1.69
N THR B 41 -4.38 -15.54 0.85
CA THR B 41 -3.07 -15.10 1.33
C THR B 41 -3.16 -13.68 1.87
N PHE B 42 -2.50 -13.45 3.02
CA PHE B 42 -2.44 -12.11 3.57
C PHE B 42 -1.46 -11.27 2.76
N TYR B 43 -1.95 -10.20 2.14
CA TYR B 43 -1.15 -9.37 1.23
C TYR B 43 -1.81 -8.01 1.12
N SER B 44 -1.13 -6.95 1.57
CA SER B 44 -1.80 -5.66 1.70
C SER B 44 -1.76 -4.80 0.45
N ASN B 45 -0.79 -5.01 -0.43
CA ASN B 45 -0.57 -4.17 -1.61
C ASN B 45 -1.51 -4.57 -2.76
N LYS B 46 -2.82 -4.44 -2.50
CA LYS B 46 -3.83 -4.94 -3.42
C LYS B 46 -3.99 -4.09 -4.67
N GLU B 47 -3.52 -2.85 -4.65
CA GLU B 47 -3.81 -1.91 -5.74
C GLU B 47 -3.24 -2.35 -7.08
N ILE B 48 -2.29 -3.30 -7.08
CA ILE B 48 -1.69 -3.77 -8.33
C ILE B 48 -2.71 -4.41 -9.26
N PHE B 49 -3.88 -4.81 -8.74
CA PHE B 49 -4.88 -5.40 -9.62
C PHE B 49 -5.17 -4.50 -10.81
N LEU B 50 -5.26 -3.19 -10.55
CA LEU B 50 -5.65 -2.26 -11.61
C LEU B 50 -4.59 -2.20 -12.70
N ARG B 51 -3.31 -2.25 -12.30
CA ARG B 51 -2.22 -2.29 -13.26
C ARG B 51 -2.31 -3.53 -14.13
N GLU B 52 -2.65 -4.66 -13.53
CA GLU B 52 -2.68 -5.91 -14.31
C GLU B 52 -3.80 -5.90 -15.32
N LEU B 53 -4.98 -5.41 -14.91
CA LEU B 53 -6.12 -5.32 -15.82
C LEU B 53 -5.86 -4.30 -16.93
N ILE B 54 -5.29 -3.14 -16.59
CA ILE B 54 -4.98 -2.14 -17.60
C ILE B 54 -3.96 -2.69 -18.59
N SER B 55 -3.00 -3.49 -18.10
N SER B 55 -2.99 -3.49 -18.11
CA SER B 55 -2.01 -4.09 -18.98
CA SER B 55 -2.02 -4.09 -19.00
C SER B 55 -2.63 -5.15 -19.90
C SER B 55 -2.65 -5.13 -19.91
N ASN B 56 -3.61 -5.90 -19.39
CA ASN B 56 -4.34 -6.83 -20.27
C ASN B 56 -5.07 -6.08 -21.38
N SER B 57 -5.73 -4.96 -21.02
CA SER B 57 -6.38 -4.12 -22.02
C SER B 57 -5.38 -3.59 -23.03
N SER B 58 -4.20 -3.15 -22.56
CA SER B 58 -3.16 -2.70 -23.47
C SER B 58 -2.75 -3.80 -24.45
N ASP B 59 -2.54 -5.03 -23.97
CA ASP B 59 -2.20 -6.13 -24.87
C ASP B 59 -3.28 -6.37 -25.92
N ALA B 60 -4.55 -6.32 -25.50
CA ALA B 60 -5.64 -6.59 -26.42
C ALA B 60 -5.78 -5.48 -27.44
N LEU B 61 -5.45 -4.25 -27.04
CA LEU B 61 -5.47 -3.12 -27.97
C LEU B 61 -4.32 -3.24 -28.96
N ASP B 62 -3.14 -3.69 -28.52
CA ASP B 62 -2.03 -3.98 -29.44
C ASP B 62 -2.44 -4.99 -30.50
N LYS B 63 -3.17 -6.04 -30.10
CA LYS B 63 -3.53 -7.09 -31.04
C LYS B 63 -4.44 -6.57 -32.14
N ILE B 64 -5.46 -5.79 -31.79
CA ILE B 64 -6.35 -5.29 -32.84
C ILE B 64 -5.66 -4.21 -33.65
N ARG B 65 -4.82 -3.37 -33.02
CA ARG B 65 -4.05 -2.40 -33.78
C ARG B 65 -3.22 -3.11 -34.85
N TYR B 66 -2.52 -4.18 -34.46
CA TYR B 66 -1.67 -4.94 -35.37
C TYR B 66 -2.48 -5.59 -36.48
N GLU B 67 -3.51 -6.36 -36.12
CA GLU B 67 -4.30 -7.04 -37.14
C GLU B 67 -4.98 -6.04 -38.08
N SER B 68 -5.35 -4.87 -37.58
CA SER B 68 -6.02 -3.91 -38.45
C SER B 68 -5.08 -3.25 -39.47
N LEU B 69 -3.77 -3.34 -39.28
CA LEU B 69 -2.85 -2.89 -40.33
C LEU B 69 -3.02 -3.71 -41.60
N THR B 70 -3.12 -5.04 -41.46
CA THR B 70 -3.26 -5.90 -42.62
C THR B 70 -4.71 -6.02 -43.09
N ASP B 71 -5.69 -5.91 -42.18
CA ASP B 71 -7.10 -6.01 -42.54
C ASP B 71 -7.85 -4.85 -41.88
N PRO B 72 -7.93 -3.70 -42.55
CA PRO B 72 -8.55 -2.52 -41.93
C PRO B 72 -10.04 -2.66 -41.66
N SER B 73 -10.72 -3.65 -42.24
CA SER B 73 -12.13 -3.86 -41.96
C SER B 73 -12.36 -4.38 -40.55
N LYS B 74 -11.32 -4.86 -39.86
CA LYS B 74 -11.45 -5.25 -38.45
C LYS B 74 -11.73 -4.07 -37.54
N LEU B 75 -11.64 -2.84 -38.03
CA LEU B 75 -12.05 -1.67 -37.27
C LEU B 75 -13.46 -1.21 -37.62
N ASP B 76 -14.20 -1.97 -38.43
CA ASP B 76 -15.60 -1.61 -38.69
C ASP B 76 -16.40 -1.59 -37.39
N SER B 77 -15.98 -2.41 -36.43
CA SER B 77 -16.62 -2.45 -35.13
C SER B 77 -16.17 -1.31 -34.22
N GLY B 78 -15.31 -0.42 -34.70
CA GLY B 78 -14.90 0.75 -33.92
C GLY B 78 -13.42 1.07 -34.06
N LYS B 79 -13.09 2.29 -34.46
CA LYS B 79 -11.69 2.66 -34.73
C LYS B 79 -10.96 3.19 -33.50
N GLU B 80 -11.67 3.67 -32.49
CA GLU B 80 -11.01 4.23 -31.30
C GLU B 80 -10.40 3.13 -30.44
N LEU B 81 -9.14 3.30 -30.06
CA LEU B 81 -8.42 2.36 -29.23
C LEU B 81 -8.14 3.06 -27.90
N HIS B 82 -8.89 2.70 -26.85
CA HIS B 82 -8.76 3.40 -25.58
C HIS B 82 -9.19 2.48 -24.42
N ILE B 83 -8.99 3.00 -23.21
CA ILE B 83 -9.34 2.32 -21.96
C ILE B 83 -10.17 3.28 -21.12
N ASN B 84 -11.32 2.79 -20.63
CA ASN B 84 -12.20 3.58 -19.77
C ASN B 84 -12.25 2.95 -18.39
N LEU B 85 -12.22 3.79 -17.36
CA LEU B 85 -12.31 3.36 -15.98
C LEU B 85 -13.59 3.95 -15.39
N ILE B 86 -14.51 3.10 -14.96
CA ILE B 86 -15.84 3.51 -14.57
C ILE B 86 -16.11 3.05 -13.16
N PRO B 87 -15.96 3.94 -12.17
CA PRO B 87 -16.38 3.60 -10.81
C PRO B 87 -17.86 3.89 -10.63
N ASN B 88 -18.51 3.06 -9.78
CA ASN B 88 -19.91 3.30 -9.43
C ASN B 88 -20.07 2.95 -7.95
N LYS B 89 -20.17 3.97 -7.10
CA LYS B 89 -20.29 3.75 -5.66
C LYS B 89 -21.63 3.15 -5.28
N GLN B 90 -22.70 3.52 -5.99
CA GLN B 90 -24.02 3.00 -5.69
C GLN B 90 -24.11 1.49 -5.96
N ASP B 91 -23.51 1.02 -7.05
CA ASP B 91 -23.45 -0.41 -7.29
C ASP B 91 -22.28 -1.09 -6.58
N ARG B 92 -21.36 -0.30 -6.03
CA ARG B 92 -20.08 -0.78 -5.51
C ARG B 92 -19.33 -1.62 -6.56
N THR B 93 -19.22 -1.07 -7.77
CA THR B 93 -18.47 -1.71 -8.83
C THR B 93 -17.46 -0.77 -9.44
N LEU B 94 -16.37 -1.35 -9.91
CA LEU B 94 -15.36 -0.68 -10.73
C LEU B 94 -15.24 -1.46 -12.03
N THR B 95 -15.43 -0.77 -13.15
CA THR B 95 -15.45 -1.40 -14.46
C THR B 95 -14.27 -0.87 -15.29
N ILE B 96 -13.56 -1.79 -15.95
CA ILE B 96 -12.45 -1.48 -16.87
C ILE B 96 -12.91 -1.89 -18.27
N VAL B 97 -13.09 -0.92 -19.16
CA VAL B 97 -13.53 -1.18 -20.52
C VAL B 97 -12.39 -0.86 -21.48
N ASP B 98 -12.19 -1.73 -22.47
CA ASP B 98 -11.29 -1.44 -23.57
C ASP B 98 -11.97 -1.80 -24.89
N THR B 99 -11.46 -1.18 -25.96
CA THR B 99 -11.88 -1.48 -27.31
C THR B 99 -10.83 -2.33 -28.03
N GLY B 100 -10.21 -3.25 -27.29
CA GLY B 100 -9.23 -4.15 -27.85
C GLY B 100 -9.88 -5.23 -28.70
N ILE B 101 -9.08 -6.24 -29.04
CA ILE B 101 -9.53 -7.25 -30.01
C ILE B 101 -10.65 -8.13 -29.46
N GLY B 102 -10.85 -8.16 -28.15
CA GLY B 102 -11.89 -8.99 -27.59
C GLY B 102 -11.52 -10.46 -27.59
N MET B 103 -12.49 -11.27 -27.19
CA MET B 103 -12.31 -12.71 -27.10
C MET B 103 -13.56 -13.44 -27.60
N THR B 104 -13.34 -14.51 -28.36
CA THR B 104 -14.42 -15.42 -28.72
C THR B 104 -14.86 -16.24 -27.50
N LYS B 105 -15.95 -16.98 -27.67
CA LYS B 105 -16.45 -17.86 -26.61
C LYS B 105 -15.38 -18.86 -26.19
N ALA B 106 -14.76 -19.55 -27.15
CA ALA B 106 -13.72 -20.52 -26.83
C ALA B 106 -12.51 -19.84 -26.17
N ASP B 107 -12.14 -18.64 -26.63
CA ASP B 107 -11.03 -17.93 -25.98
C ASP B 107 -11.38 -17.60 -24.53
N LEU B 108 -12.60 -17.13 -24.28
CA LEU B 108 -13.00 -16.77 -22.92
C LEU B 108 -12.78 -17.95 -21.98
N ILE B 109 -13.30 -19.11 -22.38
CA ILE B 109 -13.25 -20.30 -21.55
C ILE B 109 -11.83 -20.78 -21.36
N ASN B 110 -11.04 -20.82 -22.44
CA ASN B 110 -9.66 -21.29 -22.30
C ASN B 110 -8.79 -20.29 -21.55
N ASN B 111 -8.90 -18.98 -21.86
CA ASN B 111 -8.03 -17.98 -21.23
C ASN B 111 -8.30 -17.87 -19.74
N LEU B 112 -9.56 -17.93 -19.34
CA LEU B 112 -9.87 -17.72 -17.95
C LEU B 112 -10.03 -19.02 -17.17
N GLY B 113 -10.40 -20.12 -17.84
CA GLY B 113 -10.73 -21.33 -17.11
C GLY B 113 -9.64 -22.39 -17.03
N THR B 114 -8.57 -22.22 -17.81
CA THR B 114 -7.50 -23.20 -17.90
C THR B 114 -6.16 -22.48 -17.75
N ILE B 115 -5.09 -23.27 -17.58
CA ILE B 115 -3.76 -22.68 -17.51
C ILE B 115 -3.43 -21.97 -18.83
N ALA B 116 -3.87 -22.54 -19.94
CA ALA B 116 -3.68 -21.96 -21.29
C ALA B 116 -2.19 -21.65 -21.48
N LYS B 117 -1.83 -20.42 -21.85
CA LYS B 117 -0.45 -20.00 -22.08
C LYS B 117 0.19 -19.37 -20.86
N SER B 118 -0.46 -19.44 -19.71
CA SER B 118 -0.01 -18.70 -18.54
C SER B 118 1.11 -19.43 -17.81
N GLY B 119 1.77 -18.71 -16.92
CA GLY B 119 2.74 -19.30 -16.01
C GLY B 119 2.16 -19.62 -14.65
N THR B 120 0.90 -20.08 -14.61
CA THR B 120 0.23 -20.47 -13.37
C THR B 120 1.14 -21.35 -12.49
N LYS B 121 1.65 -22.46 -13.03
CA LYS B 121 2.43 -23.38 -12.21
C LYS B 121 3.71 -22.71 -11.69
N ALA B 122 4.40 -21.95 -12.53
CA ALA B 122 5.63 -21.31 -12.07
C ALA B 122 5.33 -20.24 -11.03
N PHE B 123 4.19 -19.53 -11.17
CA PHE B 123 3.83 -18.52 -10.18
C PHE B 123 3.63 -19.14 -8.81
N MET B 124 2.93 -20.27 -8.73
CA MET B 124 2.64 -20.86 -7.42
C MET B 124 3.89 -21.41 -6.76
N GLU B 125 4.80 -21.97 -7.56
CA GLU B 125 6.09 -22.38 -7.02
C GLU B 125 6.91 -21.18 -6.57
N ALA B 126 6.88 -20.10 -7.34
CA ALA B 126 7.64 -18.90 -6.96
C ALA B 126 7.20 -18.40 -5.59
N LEU B 127 5.89 -18.41 -5.33
CA LEU B 127 5.40 -17.90 -4.05
C LEU B 127 5.93 -18.71 -2.88
N GLN B 128 6.22 -20.00 -3.09
CA GLN B 128 6.86 -20.82 -2.08
C GLN B 128 8.35 -20.58 -1.98
N ALA B 129 8.94 -19.79 -2.89
CA ALA B 129 10.38 -19.63 -3.01
C ALA B 129 10.82 -18.19 -2.84
N GLY B 130 9.99 -17.35 -2.22
CA GLY B 130 10.35 -15.97 -1.95
C GLY B 130 9.54 -14.94 -2.71
N ALA B 131 8.89 -15.32 -3.80
CA ALA B 131 8.14 -14.34 -4.58
C ALA B 131 6.93 -13.85 -3.79
N ASP B 132 6.33 -12.76 -4.26
CA ASP B 132 5.12 -12.26 -3.64
C ASP B 132 4.13 -11.90 -4.73
N ILE B 133 2.87 -11.71 -4.31
CA ILE B 133 1.78 -11.60 -5.27
C ILE B 133 1.97 -10.43 -6.22
N SER B 134 2.69 -9.36 -5.80
CA SER B 134 2.86 -8.22 -6.69
C SER B 134 3.61 -8.58 -7.97
N MET B 135 4.29 -9.73 -7.99
CA MET B 135 4.96 -10.22 -9.18
C MET B 135 4.06 -11.04 -10.10
N ILE B 136 2.76 -11.10 -9.80
CA ILE B 136 1.84 -11.94 -10.57
C ILE B 136 1.91 -11.64 -12.06
N GLY B 137 2.29 -10.41 -12.42
CA GLY B 137 2.29 -10.03 -13.82
C GLY B 137 3.35 -10.71 -14.67
N GLN B 138 4.53 -10.98 -14.10
CA GLN B 138 5.57 -11.72 -14.80
C GLN B 138 5.15 -13.13 -15.21
N PHE B 139 4.03 -13.66 -14.68
CA PHE B 139 3.66 -15.05 -14.93
C PHE B 139 2.41 -15.17 -15.77
N GLY B 140 1.93 -14.08 -16.37
CA GLY B 140 0.79 -14.14 -17.26
C GLY B 140 -0.55 -14.38 -16.60
N VAL B 141 -0.67 -14.24 -15.28
CA VAL B 141 -1.94 -14.52 -14.62
C VAL B 141 -2.46 -13.29 -13.87
N GLY B 142 -2.08 -12.09 -14.35
CA GLY B 142 -2.45 -10.88 -13.63
C GLY B 142 -3.96 -10.68 -13.46
N PHE B 143 -4.77 -11.22 -14.39
CA PHE B 143 -6.22 -11.07 -14.30
C PHE B 143 -6.73 -11.52 -12.94
N TYR B 144 -6.21 -12.64 -12.43
CA TYR B 144 -6.74 -13.21 -11.19
C TYR B 144 -6.45 -12.33 -9.98
N SER B 145 -5.57 -11.34 -10.09
CA SER B 145 -5.42 -10.39 -8.99
C SER B 145 -6.68 -9.55 -8.78
N ALA B 146 -7.66 -9.64 -9.69
CA ALA B 146 -8.93 -9.01 -9.44
C ALA B 146 -9.57 -9.54 -8.16
N TYR B 147 -9.29 -10.80 -7.81
CA TYR B 147 -9.90 -11.38 -6.63
C TYR B 147 -9.24 -10.88 -5.34
N LEU B 148 -8.22 -10.03 -5.45
CA LEU B 148 -7.73 -9.31 -4.27
C LEU B 148 -8.78 -8.35 -3.75
N VAL B 149 -9.55 -7.72 -4.63
CA VAL B 149 -10.49 -6.68 -4.20
C VAL B 149 -11.94 -7.02 -4.53
N ALA B 150 -12.21 -7.95 -5.44
CA ALA B 150 -13.56 -8.23 -5.89
C ALA B 150 -14.07 -9.52 -5.27
N GLU B 151 -15.32 -9.48 -4.80
CA GLU B 151 -16.03 -10.70 -4.44
C GLU B 151 -16.46 -11.48 -5.68
N LYS B 152 -16.77 -10.77 -6.76
CA LYS B 152 -17.30 -11.34 -7.99
C LYS B 152 -16.74 -10.53 -9.15
N VAL B 153 -16.43 -11.21 -10.24
CA VAL B 153 -15.94 -10.57 -11.46
C VAL B 153 -16.78 -11.04 -12.62
N THR B 154 -17.24 -10.09 -13.44
CA THR B 154 -17.91 -10.35 -14.70
C THR B 154 -17.02 -9.85 -15.83
N VAL B 155 -16.84 -10.66 -16.87
CA VAL B 155 -16.10 -10.26 -18.06
C VAL B 155 -17.08 -10.33 -19.25
N ILE B 156 -17.36 -9.18 -19.84
CA ILE B 156 -18.19 -9.12 -21.03
C ILE B 156 -17.27 -8.81 -22.21
N THR B 157 -17.40 -9.58 -23.28
CA THR B 157 -16.43 -9.46 -24.35
C THR B 157 -17.09 -9.68 -25.70
N LYS B 158 -16.52 -9.07 -26.72
CA LYS B 158 -17.03 -9.14 -28.09
C LYS B 158 -15.84 -9.14 -29.03
N HIS B 159 -15.65 -10.25 -29.73
CA HIS B 159 -14.63 -10.39 -30.75
C HIS B 159 -15.32 -10.26 -32.11
N ASN B 160 -14.60 -9.74 -33.11
CA ASN B 160 -15.18 -9.59 -34.44
C ASN B 160 -15.76 -10.91 -34.96
N ASP B 161 -15.16 -12.05 -34.58
CA ASP B 161 -15.56 -13.35 -35.12
C ASP B 161 -16.61 -14.09 -34.28
N ASP B 162 -17.22 -13.45 -33.30
CA ASP B 162 -18.19 -14.15 -32.47
C ASP B 162 -19.22 -13.16 -31.94
N GLU B 163 -20.17 -13.69 -31.19
CA GLU B 163 -21.19 -12.89 -30.53
C GLU B 163 -20.69 -12.44 -29.17
N GLN B 164 -21.48 -11.61 -28.52
CA GLN B 164 -21.08 -11.04 -27.22
C GLN B 164 -21.40 -12.01 -26.10
N TYR B 165 -20.43 -12.25 -25.22
CA TYR B 165 -20.54 -13.23 -24.15
C TYR B 165 -20.15 -12.61 -22.80
N ALA B 166 -20.78 -13.11 -21.74
CA ALA B 166 -20.49 -12.70 -20.38
C ALA B 166 -19.98 -13.92 -19.63
N TRP B 167 -18.77 -13.79 -19.09
CA TRP B 167 -18.17 -14.75 -18.18
C TRP B 167 -18.32 -14.21 -16.77
N GLU B 168 -18.53 -15.11 -15.81
CA GLU B 168 -18.71 -14.67 -14.44
C GLU B 168 -18.23 -15.70 -13.43
N SER B 169 -17.62 -15.21 -12.35
CA SER B 169 -17.20 -16.13 -11.29
C SER B 169 -17.05 -15.41 -9.96
N SER B 170 -17.56 -16.03 -8.91
CA SER B 170 -17.26 -15.64 -7.54
C SER B 170 -16.27 -16.60 -6.89
N ALA B 171 -15.41 -17.22 -7.70
CA ALA B 171 -14.42 -18.23 -7.27
C ALA B 171 -15.19 -19.45 -6.77
N GLY B 172 -14.64 -20.16 -5.78
CA GLY B 172 -15.31 -21.38 -5.37
C GLY B 172 -15.20 -22.53 -6.34
N GLY B 173 -14.35 -22.42 -7.38
CA GLY B 173 -14.08 -23.53 -8.26
C GLY B 173 -14.87 -23.56 -9.56
N SER B 174 -15.85 -22.67 -9.74
CA SER B 174 -16.65 -22.70 -10.96
C SER B 174 -16.83 -21.29 -11.51
N PHE B 175 -17.21 -21.24 -12.79
CA PHE B 175 -17.55 -20.01 -13.50
C PHE B 175 -18.68 -20.28 -14.49
N THR B 176 -19.38 -19.23 -14.90
CA THR B 176 -20.45 -19.39 -15.88
C THR B 176 -20.18 -18.56 -17.12
N VAL B 177 -20.75 -19.02 -18.23
CA VAL B 177 -20.72 -18.29 -19.50
C VAL B 177 -22.14 -18.26 -20.05
N ARG B 178 -22.55 -17.10 -20.54
CA ARG B 178 -23.85 -16.93 -21.18
C ARG B 178 -23.72 -15.89 -22.29
N THR B 179 -24.66 -15.91 -23.22
CA THR B 179 -24.71 -14.81 -24.18
C THR B 179 -25.15 -13.52 -23.47
N ASP B 180 -24.69 -12.39 -24.00
CA ASP B 180 -25.02 -11.08 -23.43
C ASP B 180 -25.64 -10.23 -24.54
N THR B 181 -26.93 -9.93 -24.44
CA THR B 181 -27.62 -9.24 -25.52
C THR B 181 -28.13 -7.85 -25.17
N GLY B 182 -28.03 -7.41 -23.93
CA GLY B 182 -28.67 -6.15 -23.53
C GLY B 182 -28.00 -4.93 -24.11
N GLU B 183 -26.69 -4.79 -23.90
CA GLU B 183 -25.91 -3.62 -24.31
C GLU B 183 -24.77 -4.09 -25.19
N PRO B 184 -24.99 -4.21 -26.50
CA PRO B 184 -23.93 -4.70 -27.40
C PRO B 184 -22.80 -3.67 -27.51
N MET B 185 -21.59 -4.08 -27.17
CA MET B 185 -20.43 -3.28 -27.52
C MET B 185 -20.05 -3.58 -28.96
N GLY B 186 -19.26 -2.69 -29.53
CA GLY B 186 -18.82 -2.94 -30.89
C GLY B 186 -17.77 -4.02 -30.94
N ARG B 187 -16.81 -3.93 -30.02
CA ARG B 187 -15.65 -4.81 -29.99
C ARG B 187 -14.88 -4.46 -28.72
N GLY B 188 -14.46 -5.46 -27.97
CA GLY B 188 -13.63 -5.18 -26.83
C GLY B 188 -14.03 -6.00 -25.64
N THR B 189 -13.63 -5.53 -24.45
CA THR B 189 -13.81 -6.29 -23.24
C THR B 189 -14.10 -5.34 -22.08
N LYS B 190 -15.03 -5.77 -21.24
CA LYS B 190 -15.47 -5.04 -20.07
C LYS B 190 -15.30 -5.96 -18.87
N VAL B 191 -14.46 -5.56 -17.92
CA VAL B 191 -14.20 -6.30 -16.69
C VAL B 191 -14.89 -5.57 -15.54
N ILE B 192 -15.86 -6.23 -14.91
CA ILE B 192 -16.68 -5.62 -13.87
C ILE B 192 -16.27 -6.23 -12.54
N LEU B 193 -15.72 -5.40 -11.66
CA LEU B 193 -15.32 -5.87 -10.34
C LEU B 193 -16.40 -5.46 -9.34
N HIS B 194 -17.07 -6.43 -8.75
CA HIS B 194 -18.00 -6.17 -7.65
C HIS B 194 -17.17 -6.19 -6.37
N LEU B 195 -16.86 -5.02 -5.85
CA LEU B 195 -15.84 -4.91 -4.82
C LEU B 195 -16.31 -5.49 -3.48
N LYS B 196 -15.37 -6.07 -2.74
CA LYS B 196 -15.59 -6.43 -1.35
C LYS B 196 -15.88 -5.18 -0.52
N GLU B 197 -16.62 -5.36 0.59
CA GLU B 197 -17.08 -4.23 1.38
C GLU B 197 -15.93 -3.38 1.91
N ASP B 198 -14.80 -3.99 2.22
CA ASP B 198 -13.64 -3.28 2.74
C ASP B 198 -12.76 -2.67 1.66
N GLN B 199 -13.13 -2.80 0.37
CA GLN B 199 -12.27 -2.37 -0.72
C GLN B 199 -12.86 -1.22 -1.53
N THR B 200 -13.74 -0.43 -0.93
CA THR B 200 -14.40 0.63 -1.71
C THR B 200 -13.50 1.84 -1.93
N GLU B 201 -12.29 1.84 -1.36
CA GLU B 201 -11.35 2.91 -1.67
C GLU B 201 -11.05 2.98 -3.16
N TYR B 202 -11.14 1.85 -3.85
CA TYR B 202 -10.84 1.79 -5.28
C TYR B 202 -11.95 2.38 -6.13
N LEU B 203 -12.98 2.93 -5.51
CA LEU B 203 -13.99 3.74 -6.17
C LEU B 203 -13.71 5.22 -6.06
N GLU B 204 -12.73 5.63 -5.24
CA GLU B 204 -12.46 7.04 -5.04
C GLU B 204 -11.60 7.59 -6.17
N GLU B 205 -12.04 8.72 -6.74
CA GLU B 205 -11.33 9.39 -7.82
C GLU B 205 -9.85 9.59 -7.49
N ARG B 206 -9.56 10.17 -6.32
CA ARG B 206 -8.17 10.40 -5.95
C ARG B 206 -7.38 9.11 -5.88
N ARG B 207 -7.98 8.04 -5.35
CA ARG B 207 -7.29 6.76 -5.25
C ARG B 207 -6.97 6.21 -6.64
N ILE B 208 -7.97 6.21 -7.54
CA ILE B 208 -7.76 5.64 -8.86
C ILE B 208 -6.67 6.42 -9.61
N LYS B 209 -6.75 7.76 -9.57
CA LYS B 209 -5.76 8.58 -10.26
C LYS B 209 -4.36 8.32 -9.73
N GLU B 210 -4.24 8.17 -8.41
CA GLU B 210 -2.94 7.89 -7.81
C GLU B 210 -2.37 6.55 -8.29
N ILE B 211 -3.23 5.53 -8.42
CA ILE B 211 -2.76 4.21 -8.86
C ILE B 211 -2.38 4.22 -10.33
N VAL B 212 -3.18 4.87 -11.17
CA VAL B 212 -2.85 4.95 -12.59
C VAL B 212 -1.51 5.66 -12.77
N LYS B 213 -1.30 6.78 -12.05
CA LYS B 213 -0.05 7.51 -12.20
C LYS B 213 1.15 6.70 -11.70
N LYS B 214 0.97 5.95 -10.60
CA LYS B 214 2.08 5.17 -10.06
C LYS B 214 2.46 4.01 -10.97
N HIS B 215 1.48 3.31 -11.55
CA HIS B 215 1.72 2.01 -12.18
C HIS B 215 1.44 1.95 -13.67
N SER B 216 0.68 2.88 -14.23
CA SER B 216 0.24 2.77 -15.62
C SER B 216 0.44 4.04 -16.41
N GLN B 217 1.33 4.93 -15.96
CA GLN B 217 1.43 6.21 -16.63
C GLN B 217 2.07 6.12 -18.01
N PHE B 218 2.68 4.99 -18.38
CA PHE B 218 3.32 4.85 -19.68
C PHE B 218 2.51 4.00 -20.66
N ILE B 219 1.29 3.61 -20.29
CA ILE B 219 0.44 2.86 -21.22
C ILE B 219 0.21 3.68 -22.49
N GLY B 220 0.21 2.99 -23.63
CA GLY B 220 0.24 3.68 -24.91
C GLY B 220 -1.12 3.91 -25.53
N TYR B 221 -2.13 4.04 -24.68
CA TYR B 221 -3.50 4.29 -25.09
C TYR B 221 -4.14 5.20 -24.08
N PRO B 222 -5.10 6.04 -24.50
CA PRO B 222 -5.74 6.95 -23.55
C PRO B 222 -6.52 6.18 -22.50
N ILE B 223 -6.31 6.57 -21.25
CA ILE B 223 -7.07 6.03 -20.13
C ILE B 223 -7.93 7.16 -19.61
N THR B 224 -9.24 6.96 -19.66
CA THR B 224 -10.21 7.97 -19.24
C THR B 224 -10.89 7.51 -17.96
N LEU B 225 -10.78 8.31 -16.90
CA LEU B 225 -11.50 8.05 -15.64
C LEU B 225 -12.85 8.75 -15.69
N PHE B 226 -13.94 7.97 -15.68
CA PHE B 226 -15.27 8.56 -15.71
C PHE B 226 -15.60 9.19 -14.36
N VAL B 227 -16.39 10.23 -14.41
CA VAL B 227 -16.92 10.91 -13.23
C VAL B 227 -18.28 10.31 -12.91
N GLU B 228 -18.62 10.22 -11.63
CA GLU B 228 -19.88 9.62 -11.25
C GLU B 228 -21.03 10.62 -11.30
N LYS B 229 -22.18 10.15 -11.77
CA LYS B 229 -23.40 10.95 -11.81
C LYS B 229 -23.96 11.11 -10.39
C4 TUH C . 15.04 8.69 18.86
C5 TUH C . 14.62 7.35 18.83
C6 TUH C . 13.43 7.03 18.21
C7 TUH C . 16.31 9.08 19.48
C13 TUH C . 17.58 9.16 16.41
C15 TUH C . 17.54 9.51 15.07
C17 TUH C . 16.89 11.78 15.76
C20 TUH C . 16.72 12.75 13.76
C21 TUH C . 17.31 10.85 12.25
C22 TUH C . 12.21 10.44 16.98
C24 TUH C . 13.04 11.63 16.46
C1 TUH C . 12.67 8.04 17.60
C2 TUH C . 13.08 9.37 17.61
C3 TUH C . 14.27 9.66 18.26
N8 TUH C . 17.30 9.71 18.76
C9 TUH C . 18.35 9.97 19.61
N10 TUH C . 17.91 9.46 20.78
N11 TUH C . 16.67 8.91 20.72
C12 TUH C . 17.28 10.09 17.41
C14 TUH C . 16.94 11.39 17.11
C16 TUH C . 17.20 10.82 14.76
C18 TUH C . 16.59 13.01 15.10
N19 TUH C . 17.08 11.45 13.54
C23 TUH C . 11.22 10.93 18.05
O25 TUH C . 11.52 7.78 16.96
O26 TUH C . 15.38 6.43 19.45
O27 TUH C . 19.39 10.52 19.30
MG MG D . 20.72 6.84 7.95
C4 TUH E . -8.60 -9.08 -22.50
C5 TUH E . -8.74 -7.72 -22.18
C6 TUH E . -8.81 -7.33 -20.85
C7 TUH E . -8.49 -9.53 -23.88
C13 TUH E . -5.39 -9.96 -22.98
C15 TUH E . -4.39 -10.45 -22.16
C17 TUH E . -5.32 -12.71 -22.49
C20 TUH E . -3.87 -13.91 -21.25
C21 TUH E . -2.35 -12.09 -20.44
C22 TUH E . -8.56 -10.65 -18.97
C24 TUH E . -7.81 -11.94 -19.33
C1 TUH E . -8.73 -8.27 -19.84
C2 TUH E . -8.59 -9.65 -20.11
C3 TUH E . -8.54 -10.01 -21.46
N8 TUH E . -7.41 -10.29 -24.33
C9 TUH E . -7.57 -10.56 -25.68
N10 TUH E . -8.73 -9.88 -25.95
N11 TUH E . -9.28 -9.25 -24.87
C12 TUH E . -6.35 -10.81 -23.54
C14 TUH E . -6.33 -12.18 -23.30
C16 TUH E . -4.35 -11.84 -21.92
C18 TUH E . -4.99 -14.02 -22.04
N19 TUH E . -3.48 -12.60 -21.17
C23 TUH E . -10.01 -11.00 -18.63
O25 TUH E . -8.78 -7.91 -18.55
O26 TUH E . -8.82 -6.82 -23.17
O27 TUH E . -6.84 -11.22 -26.40
#